data_1A48
#
_entry.id   1A48
#
_cell.length_a   62.600
_cell.length_b   63.700
_cell.length_c   81.200
_cell.angle_alpha   90.00
_cell.angle_beta   90.00
_cell.angle_gamma   90.00
#
_symmetry.space_group_name_H-M   'P 21 21 21'
#
loop_
_entity.id
_entity.type
_entity.pdbx_description
1 polymer 'PHOSPHORIBOSYLAMINOIMIDAZOLE-SUCCINOCARBOXAMIDE SYNTHASE'
2 non-polymer 'SULFATE ION'
3 water water
#
_entity_poly.entity_id   1
_entity_poly.type   'polypeptide(L)'
_entity_poly.pdbx_seq_one_letter_code
;(ACE)SITKTELDGILPLVARGKVRDIYEVDAGTLLFVATDRISAYDVIMENSIPEKGILLTKLSEFWFKFLSNDVRNHL
VDIAPGKTIFDYLPAKLSEPKYKTQLEDRSLLVHKHKLIPLEVIVRGYITGSAWKEYVKTGTVHGLKQPQGLKESQEFPE
PIFTPSTKAEQGEHDENISPAQAAELVGEDLSRRVAELAVKLYSKCKDYAKEKGIIIADTKFEFGIDEKTNEIILVDEVL
TPDSSRFWNGASYKVGESQDSYDKQFLRDWLTANKLNGVNGVKMPQDIVDRTRAKYIEAYETLTGSKWSH
;
_entity_poly.pdbx_strand_id   A
#
loop_
_chem_comp.id
_chem_comp.type
_chem_comp.name
_chem_comp.formula
ACE non-polymer 'ACETYL GROUP' 'C2 H4 O'
SO4 non-polymer 'SULFATE ION' 'O4 S -2'
#
# COMPACT_ATOMS: atom_id res chain seq x y z
C ACE A 1 -11.84 -9.96 -14.40
O ACE A 1 -10.61 -9.92 -14.68
CH3 ACE A 1 -12.57 -11.19 -13.77
N SER A 2 -12.55 -8.85 -14.63
CA SER A 2 -12.23 -7.68 -13.79
C SER A 2 -13.27 -7.63 -12.67
N ILE A 3 -12.88 -7.31 -11.45
CA ILE A 3 -13.78 -7.25 -10.30
C ILE A 3 -13.68 -5.82 -9.83
N THR A 4 -14.75 -5.09 -9.91
CA THR A 4 -14.86 -3.72 -9.50
C THR A 4 -15.50 -3.58 -8.14
N LYS A 5 -16.42 -4.43 -7.78
CA LYS A 5 -17.12 -4.38 -6.50
C LYS A 5 -17.55 -5.79 -6.14
N THR A 6 -17.36 -6.20 -4.91
CA THR A 6 -17.79 -7.54 -4.53
C THR A 6 -19.25 -7.54 -4.12
N GLU A 7 -19.95 -8.58 -4.46
CA GLU A 7 -21.36 -8.80 -4.15
C GLU A 7 -21.52 -10.21 -3.57
N LEU A 8 -21.63 -10.30 -2.25
CA LEU A 8 -21.70 -11.54 -1.54
C LEU A 8 -23.05 -11.84 -1.00
N ASP A 9 -23.99 -11.06 -1.45
CA ASP A 9 -25.42 -11.29 -1.11
C ASP A 9 -25.74 -11.56 0.33
N GLY A 10 -25.10 -10.84 1.20
CA GLY A 10 -25.16 -10.92 2.63
C GLY A 10 -24.64 -12.20 3.28
N ILE A 11 -23.81 -13.03 2.65
CA ILE A 11 -23.25 -14.24 3.21
C ILE A 11 -22.40 -13.94 4.43
N LEU A 12 -21.69 -12.84 4.33
CA LEU A 12 -20.82 -12.25 5.30
C LEU A 12 -21.20 -10.75 5.38
N PRO A 13 -21.17 -10.19 6.58
CA PRO A 13 -21.44 -8.78 6.76
C PRO A 13 -20.25 -7.95 6.27
N LEU A 14 -20.52 -6.82 5.68
CA LEU A 14 -19.56 -5.87 5.20
C LEU A 14 -19.08 -5.00 6.38
N VAL A 15 -17.79 -4.87 6.57
CA VAL A 15 -17.18 -4.04 7.57
C VAL A 15 -16.93 -2.67 6.96
N ALA A 16 -16.38 -2.62 5.75
CA ALA A 16 -16.10 -1.43 5.02
C ALA A 16 -15.78 -1.59 3.54
N ARG A 17 -16.06 -0.57 2.78
CA ARG A 17 -15.69 -0.51 1.38
C ARG A 17 -14.71 0.64 1.20
N GLY A 18 -13.46 0.45 0.93
CA GLY A 18 -12.57 1.55 0.75
C GLY A 18 -12.52 1.99 -0.73
N LYS A 19 -11.50 2.73 -1.05
CA LYS A 19 -11.23 3.17 -2.40
C LYS A 19 -11.01 1.92 -3.30
N VAL A 20 -10.27 0.97 -2.81
CA VAL A 20 -9.88 -0.24 -3.49
C VAL A 20 -10.23 -1.57 -2.87
N ARG A 21 -10.29 -1.71 -1.58
CA ARG A 21 -10.55 -2.85 -0.79
C ARG A 21 -11.95 -2.92 -0.19
N ASP A 22 -12.52 -4.09 -0.24
CA ASP A 22 -13.80 -4.44 0.38
C ASP A 22 -13.46 -5.35 1.54
N ILE A 23 -13.84 -5.10 2.79
CA ILE A 23 -13.52 -5.91 3.94
C ILE A 23 -14.76 -6.51 4.58
N TYR A 24 -14.89 -7.78 4.79
CA TYR A 24 -15.91 -8.53 5.33
C TYR A 24 -15.47 -9.15 6.66
N GLU A 25 -16.48 -9.41 7.50
CA GLU A 25 -16.22 -10.08 8.76
C GLU A 25 -16.52 -11.56 8.62
N VAL A 26 -15.59 -12.44 8.94
CA VAL A 26 -15.76 -13.88 8.82
C VAL A 26 -16.33 -14.49 10.11
N ASP A 27 -15.72 -14.07 11.23
CA ASP A 27 -16.20 -14.51 12.53
C ASP A 27 -15.72 -13.44 13.50
N ALA A 28 -15.89 -13.74 14.79
CA ALA A 28 -15.48 -12.77 15.81
C ALA A 28 -14.02 -12.34 15.79
N GLY A 29 -13.09 -13.18 15.33
CA GLY A 29 -11.71 -12.74 15.34
C GLY A 29 -11.04 -12.69 14.00
N THR A 30 -11.83 -12.77 12.92
CA THR A 30 -11.33 -12.83 11.58
C THR A 30 -12.02 -11.97 10.55
N LEU A 31 -11.19 -11.35 9.69
CA LEU A 31 -11.66 -10.56 8.61
C LEU A 31 -11.20 -11.13 7.23
N LEU A 32 -11.87 -10.71 6.22
CA LEU A 32 -11.58 -11.07 4.85
C LEU A 32 -11.35 -9.78 4.12
N PHE A 33 -10.11 -9.60 3.63
CA PHE A 33 -9.79 -8.45 2.87
C PHE A 33 -9.86 -8.75 1.35
N VAL A 34 -10.69 -8.13 0.59
CA VAL A 34 -10.76 -8.40 -0.84
C VAL A 34 -10.19 -7.25 -1.66
N ALA A 35 -9.10 -7.41 -2.41
CA ALA A 35 -8.61 -6.32 -3.24
C ALA A 35 -9.31 -6.26 -4.58
N THR A 36 -10.03 -5.19 -4.88
CA THR A 36 -10.71 -5.13 -6.18
C THR A 36 -9.72 -4.52 -7.20
N ASP A 37 -10.21 -4.35 -8.41
CA ASP A 37 -9.48 -3.78 -9.50
C ASP A 37 -9.65 -2.30 -9.68
N ARG A 38 -10.27 -1.60 -8.72
CA ARG A 38 -10.47 -0.17 -8.74
C ARG A 38 -9.10 0.53 -8.63
N ILE A 39 -9.06 1.73 -9.14
CA ILE A 39 -7.94 2.63 -9.16
C ILE A 39 -8.37 4.07 -8.90
N SER A 40 -7.51 4.78 -8.20
CA SER A 40 -7.70 6.14 -7.86
C SER A 40 -6.67 7.10 -8.39
N ALA A 41 -7.01 8.31 -8.70
CA ALA A 41 -6.08 9.34 -9.14
C ALA A 41 -6.71 10.69 -8.75
N TYR A 42 -5.96 11.59 -8.14
CA TYR A 42 -6.46 12.90 -7.69
C TYR A 42 -7.64 12.84 -6.73
N ASP A 43 -7.64 11.79 -5.90
CA ASP A 43 -8.61 11.50 -4.90
C ASP A 43 -9.96 10.98 -5.37
N VAL A 44 -10.02 10.60 -6.61
CA VAL A 44 -11.25 10.11 -7.23
C VAL A 44 -10.98 8.70 -7.75
N ILE A 45 -12.01 7.89 -7.62
CA ILE A 45 -12.00 6.52 -8.09
C ILE A 45 -12.49 6.59 -9.54
N MET A 46 -11.79 5.88 -10.45
CA MET A 46 -12.24 5.91 -11.84
C MET A 46 -13.47 5.07 -11.98
N GLU A 47 -14.24 5.28 -12.97
CA GLU A 47 -15.44 4.47 -13.21
C GLU A 47 -15.13 3.06 -13.66
N ASN A 48 -14.10 2.84 -14.47
CA ASN A 48 -13.75 1.48 -14.89
C ASN A 48 -12.50 1.03 -14.14
N SER A 49 -12.10 -0.19 -14.26
CA SER A 49 -11.10 -0.97 -13.71
C SER A 49 -9.86 -1.27 -14.54
N ILE A 50 -8.85 -1.72 -13.81
CA ILE A 50 -7.58 -2.18 -14.37
C ILE A 50 -7.65 -3.70 -14.10
N PRO A 51 -7.96 -4.52 -15.11
CA PRO A 51 -8.07 -5.95 -14.95
C PRO A 51 -6.91 -6.60 -14.28
N GLU A 52 -7.21 -7.38 -13.22
CA GLU A 52 -6.34 -8.10 -12.36
C GLU A 52 -5.40 -7.29 -11.46
N LYS A 53 -5.58 -5.97 -11.39
CA LYS A 53 -4.81 -5.10 -10.51
C LYS A 53 -4.80 -5.64 -9.10
N GLY A 54 -5.97 -6.04 -8.58
CA GLY A 54 -6.15 -6.56 -7.26
C GLY A 54 -5.52 -7.87 -6.97
N ILE A 55 -5.39 -8.74 -7.97
CA ILE A 55 -4.68 -9.98 -7.84
C ILE A 55 -3.18 -9.71 -7.76
N LEU A 56 -2.67 -8.86 -8.64
CA LEU A 56 -1.26 -8.52 -8.66
C LEU A 56 -0.79 -7.88 -7.36
N LEU A 57 -1.56 -6.95 -6.87
CA LEU A 57 -1.31 -6.22 -5.60
C LEU A 57 -1.44 -7.13 -4.37
N THR A 58 -2.31 -8.12 -4.33
CA THR A 58 -2.44 -9.10 -3.29
C THR A 58 -1.19 -9.96 -3.23
N LYS A 59 -0.79 -10.50 -4.39
CA LYS A 59 0.40 -11.35 -4.48
C LYS A 59 1.67 -10.58 -4.13
N LEU A 60 1.74 -9.30 -4.51
CA LEU A 60 2.92 -8.52 -4.11
C LEU A 60 2.98 -8.32 -2.61
N SER A 61 1.90 -8.02 -1.94
CA SER A 61 1.86 -7.88 -0.50
C SER A 61 2.20 -9.24 0.09
N GLU A 62 1.67 -10.33 -0.40
CA GLU A 62 2.03 -11.62 0.12
C GLU A 62 3.53 -11.88 -0.02
N PHE A 63 4.22 -11.47 -1.04
CA PHE A 63 5.64 -11.59 -1.20
C PHE A 63 6.40 -10.82 -0.09
N TRP A 64 5.99 -9.58 0.13
CA TRP A 64 6.64 -8.76 1.13
C TRP A 64 6.50 -9.27 2.53
N PHE A 65 5.31 -9.81 2.87
CA PHE A 65 5.05 -10.42 4.18
C PHE A 65 6.02 -11.53 4.42
N LYS A 66 6.24 -12.42 3.47
CA LYS A 66 7.19 -13.51 3.53
C LYS A 66 8.62 -12.95 3.53
N PHE A 67 8.95 -11.95 2.75
CA PHE A 67 10.29 -11.35 2.78
C PHE A 67 10.65 -10.82 4.17
N LEU A 68 9.72 -10.28 4.93
CA LEU A 68 9.92 -9.68 6.25
C LEU A 68 9.49 -10.56 7.41
N SER A 69 9.29 -11.85 7.17
CA SER A 69 8.78 -12.78 8.16
C SER A 69 9.71 -12.98 9.35
N ASN A 70 10.98 -12.69 9.18
CA ASN A 70 11.85 -12.84 10.34
C ASN A 70 11.99 -11.51 11.01
N ASP A 71 11.53 -10.45 10.38
CA ASP A 71 11.70 -9.15 10.98
C ASP A 71 10.48 -8.69 11.79
N VAL A 72 9.31 -9.16 11.41
CA VAL A 72 8.09 -8.74 12.08
C VAL A 72 6.97 -9.75 11.83
N ARG A 73 6.11 -9.91 12.81
CA ARG A 73 4.95 -10.73 12.75
C ARG A 73 3.89 -9.98 11.92
N ASN A 74 2.97 -10.71 11.32
CA ASN A 74 1.92 -10.08 10.51
C ASN A 74 0.57 -10.66 10.90
N HIS A 75 -0.53 -10.10 10.37
CA HIS A 75 -1.87 -10.54 10.72
C HIS A 75 -2.47 -11.64 9.92
N LEU A 76 -1.75 -12.20 8.95
CA LEU A 76 -2.27 -13.26 8.11
C LEU A 76 -2.64 -14.50 8.87
N VAL A 77 -3.77 -15.12 8.60
CA VAL A 77 -4.17 -16.39 9.17
C VAL A 77 -3.32 -17.45 8.41
N ASP A 78 -2.67 -18.34 9.11
CA ASP A 78 -1.88 -19.39 8.48
C ASP A 78 -2.81 -20.56 8.06
N ILE A 79 -2.92 -20.72 6.77
CA ILE A 79 -3.74 -21.72 6.08
C ILE A 79 -2.94 -23.02 6.11
N ALA A 80 -3.43 -24.10 6.56
CA ALA A 80 -2.74 -25.37 6.62
C ALA A 80 -2.35 -25.92 5.26
N PRO A 81 -1.29 -26.72 5.25
CA PRO A 81 -0.77 -27.39 4.05
C PRO A 81 -1.89 -28.20 3.43
N GLY A 82 -2.09 -28.03 2.15
CA GLY A 82 -3.07 -28.67 1.31
C GLY A 82 -4.48 -28.08 1.33
N LYS A 83 -4.64 -26.97 2.07
CA LYS A 83 -5.88 -26.26 2.24
C LYS A 83 -5.78 -24.92 1.54
N THR A 84 -6.91 -24.28 1.26
CA THR A 84 -6.95 -23.03 0.61
C THR A 84 -7.85 -22.14 1.52
N ILE A 85 -7.93 -20.89 1.18
CA ILE A 85 -8.78 -19.93 1.90
C ILE A 85 -10.21 -20.37 1.93
N PHE A 86 -10.75 -21.02 0.93
CA PHE A 86 -12.05 -21.55 0.75
C PHE A 86 -12.38 -22.59 1.78
N ASP A 87 -11.45 -23.32 2.33
CA ASP A 87 -11.64 -24.24 3.42
C ASP A 87 -11.87 -23.51 4.74
N TYR A 88 -11.54 -22.24 4.90
CA TYR A 88 -11.65 -21.42 6.04
C TYR A 88 -12.79 -20.42 5.97
N LEU A 89 -13.64 -20.56 4.95
CA LEU A 89 -14.83 -19.78 4.68
C LEU A 89 -16.07 -20.66 4.62
N PRO A 90 -17.24 -20.16 4.90
CA PRO A 90 -18.49 -20.87 4.79
C PRO A 90 -18.56 -21.44 3.35
N ALA A 91 -19.05 -22.64 3.23
CA ALA A 91 -19.21 -23.42 2.04
C ALA A 91 -19.81 -22.75 0.83
N LYS A 92 -20.80 -21.89 1.07
CA LYS A 92 -21.49 -21.16 0.01
C LYS A 92 -20.56 -20.29 -0.79
N LEU A 93 -19.46 -19.82 -0.16
CA LEU A 93 -18.55 -18.96 -0.84
C LEU A 93 -17.69 -19.74 -1.88
N SER A 94 -17.76 -21.04 -1.90
CA SER A 94 -17.08 -21.87 -2.92
C SER A 94 -17.94 -22.09 -4.15
N GLU A 95 -19.17 -21.67 -4.24
CA GLU A 95 -20.05 -21.72 -5.40
C GLU A 95 -19.51 -20.78 -6.45
N PRO A 96 -19.58 -21.11 -7.71
CA PRO A 96 -19.01 -20.33 -8.77
C PRO A 96 -19.15 -18.85 -8.72
N LYS A 97 -20.36 -18.34 -8.46
CA LYS A 97 -20.64 -16.95 -8.46
C LYS A 97 -19.88 -16.12 -7.40
N TYR A 98 -19.53 -16.76 -6.34
CA TYR A 98 -18.77 -16.03 -5.32
C TYR A 98 -17.33 -16.30 -5.47
N LYS A 99 -17.01 -17.53 -5.75
CA LYS A 99 -15.64 -17.96 -5.85
C LYS A 99 -14.87 -17.19 -6.87
N THR A 100 -15.52 -16.84 -7.97
CA THR A 100 -14.86 -16.10 -9.01
C THR A 100 -14.56 -14.66 -8.58
N GLN A 101 -15.34 -14.13 -7.66
CA GLN A 101 -15.07 -12.75 -7.21
C GLN A 101 -13.97 -12.71 -6.17
N LEU A 102 -13.66 -13.81 -5.52
CA LEU A 102 -12.72 -13.92 -4.43
C LEU A 102 -11.38 -14.55 -4.69
N GLU A 103 -11.31 -15.50 -5.60
CA GLU A 103 -10.05 -16.19 -5.80
C GLU A 103 -8.90 -15.31 -6.22
N ASP A 104 -7.77 -15.49 -5.63
CA ASP A 104 -6.49 -14.86 -5.79
C ASP A 104 -6.36 -13.41 -5.35
N ARG A 105 -7.43 -12.78 -4.89
CA ARG A 105 -7.36 -11.38 -4.55
C ARG A 105 -7.83 -11.14 -3.10
N SER A 106 -7.85 -12.22 -2.36
CA SER A 106 -8.34 -12.25 -1.03
C SER A 106 -7.37 -12.74 0.03
N LEU A 107 -7.36 -12.06 1.19
CA LEU A 107 -6.55 -12.40 2.32
C LEU A 107 -7.43 -12.54 3.59
N LEU A 108 -7.22 -13.59 4.27
CA LEU A 108 -7.79 -14.00 5.53
C LEU A 108 -6.80 -13.58 6.65
N VAL A 109 -7.32 -12.69 7.51
CA VAL A 109 -6.55 -12.04 8.53
C VAL A 109 -7.16 -12.05 9.93
N HIS A 110 -6.28 -12.04 10.92
CA HIS A 110 -6.75 -11.97 12.29
C HIS A 110 -7.00 -10.51 12.67
N LYS A 111 -8.05 -10.30 13.45
CA LYS A 111 -8.41 -8.98 13.91
C LYS A 111 -7.41 -8.62 15.01
N HIS A 112 -6.89 -7.47 15.06
CA HIS A 112 -5.92 -7.06 16.06
C HIS A 112 -6.29 -5.65 16.56
N LYS A 113 -5.82 -5.27 17.72
CA LYS A 113 -6.05 -3.92 18.20
C LYS A 113 -5.25 -2.97 17.33
N LEU A 114 -5.79 -1.96 16.72
CA LEU A 114 -5.10 -1.03 15.90
C LEU A 114 -4.35 0.07 16.67
N ILE A 115 -3.31 0.52 15.98
CA ILE A 115 -2.49 1.62 16.48
C ILE A 115 -2.93 2.68 15.47
N PRO A 116 -3.74 3.63 15.93
CA PRO A 116 -4.33 4.68 15.12
C PRO A 116 -3.44 5.81 14.63
N LEU A 117 -2.50 5.50 13.77
CA LEU A 117 -1.50 6.31 13.14
C LEU A 117 -1.10 5.79 11.74
N GLU A 118 -0.89 6.67 10.81
CA GLU A 118 -0.40 6.35 9.49
C GLU A 118 1.14 6.45 9.63
N VAL A 119 1.84 5.33 9.58
CA VAL A 119 3.27 5.28 9.75
C VAL A 119 4.01 5.37 8.43
N ILE A 120 4.30 6.60 8.06
CA ILE A 120 5.02 6.96 6.84
C ILE A 120 6.52 7.09 7.12
N VAL A 121 7.27 6.42 6.26
CA VAL A 121 8.72 6.39 6.24
C VAL A 121 9.14 6.95 4.88
N ARG A 122 9.98 7.96 4.94
CA ARG A 122 10.46 8.63 3.75
C ARG A 122 11.94 8.36 3.53
N GLY A 123 12.32 7.86 2.35
CA GLY A 123 13.76 7.64 2.07
C GLY A 123 14.25 8.78 1.19
N TYR A 124 13.39 9.46 0.45
CA TYR A 124 13.58 10.53 -0.48
C TYR A 124 12.64 11.69 -0.34
N ILE A 125 13.06 12.91 -0.60
CA ILE A 125 12.32 14.11 -0.44
C ILE A 125 11.48 14.44 -1.62
N THR A 126 10.17 14.40 -1.41
CA THR A 126 9.17 14.61 -2.43
C THR A 126 7.84 14.92 -1.79
N GLY A 127 6.83 15.17 -2.59
CA GLY A 127 5.47 15.43 -2.23
C GLY A 127 5.30 16.57 -1.26
N SER A 128 4.52 16.43 -0.21
CA SER A 128 4.32 17.50 0.78
C SER A 128 5.55 17.82 1.62
N ALA A 129 6.46 16.85 1.76
CA ALA A 129 7.68 17.01 2.49
C ALA A 129 8.55 18.01 1.73
N TRP A 130 8.59 17.95 0.39
CA TRP A 130 9.39 18.86 -0.39
C TRP A 130 8.86 20.26 -0.35
N LYS A 131 7.55 20.41 -0.41
CA LYS A 131 6.92 21.69 -0.39
C LYS A 131 7.19 22.38 0.97
N GLU A 132 7.08 21.60 2.02
CA GLU A 132 7.30 22.16 3.35
C GLU A 132 8.75 22.56 3.44
N TYR A 133 9.71 21.74 3.09
CA TYR A 133 11.10 22.02 3.12
C TYR A 133 11.52 23.27 2.39
N VAL A 134 10.97 23.48 1.24
CA VAL A 134 11.26 24.67 0.43
C VAL A 134 10.84 25.92 1.19
N LYS A 135 9.71 25.91 1.90
CA LYS A 135 9.24 27.04 2.67
C LYS A 135 9.99 27.34 3.99
N THR A 136 10.08 26.37 4.89
CA THR A 136 10.67 26.55 6.19
C THR A 136 11.84 25.69 6.49
N GLY A 137 12.27 24.80 5.59
CA GLY A 137 13.42 24.00 5.88
C GLY A 137 13.13 22.89 6.84
N THR A 138 11.86 22.53 6.96
CA THR A 138 11.48 21.45 7.86
C THR A 138 10.64 20.43 7.07
N VAL A 139 10.51 19.26 7.66
CA VAL A 139 9.71 18.13 7.22
C VAL A 139 8.87 17.63 8.41
N HIS A 140 7.58 17.84 8.46
CA HIS A 140 6.74 17.45 9.60
C HIS A 140 7.25 18.08 10.94
N GLY A 141 7.76 19.32 10.74
CA GLY A 141 8.35 20.19 11.73
C GLY A 141 9.76 19.95 12.16
N LEU A 142 10.41 18.92 11.70
CA LEU A 142 11.71 18.43 11.96
C LEU A 142 12.72 19.23 11.14
N LYS A 143 13.75 19.74 11.76
CA LYS A 143 14.79 20.53 11.10
C LYS A 143 15.65 19.58 10.22
N GLN A 144 15.93 20.08 9.03
CA GLN A 144 16.69 19.32 8.05
C GLN A 144 17.94 20.05 7.62
N PRO A 145 18.89 19.36 7.05
CA PRO A 145 20.09 19.96 6.49
C PRO A 145 19.74 20.89 5.36
N GLN A 146 20.49 21.93 5.10
CA GLN A 146 20.30 22.87 4.04
C GLN A 146 20.90 22.24 2.76
N GLY A 147 20.42 22.62 1.58
CA GLY A 147 20.92 22.12 0.33
C GLY A 147 20.45 20.84 -0.30
N LEU A 148 19.31 20.34 0.17
CA LEU A 148 18.69 19.14 -0.38
C LEU A 148 17.99 19.62 -1.66
N LYS A 149 18.14 18.80 -2.70
CA LYS A 149 17.53 19.04 -4.02
C LYS A 149 16.29 18.13 -4.19
N GLU A 150 15.30 18.54 -4.97
CA GLU A 150 14.08 17.81 -5.15
C GLU A 150 14.35 16.36 -5.56
N SER A 151 13.78 15.41 -4.83
CA SER A 151 13.89 13.98 -5.07
C SER A 151 15.15 13.32 -4.58
N GLN A 152 15.98 14.14 -3.87
CA GLN A 152 17.21 13.67 -3.32
C GLN A 152 16.97 12.71 -2.18
N GLU A 153 17.83 11.72 -2.01
CA GLU A 153 17.74 10.81 -0.90
C GLU A 153 18.19 11.53 0.40
N PHE A 154 17.41 11.29 1.47
CA PHE A 154 17.73 11.75 2.80
C PHE A 154 18.95 10.94 3.25
N PRO A 155 19.79 11.53 4.07
CA PRO A 155 20.95 10.85 4.64
C PRO A 155 20.64 9.48 5.23
N GLU A 156 19.53 9.33 5.98
CA GLU A 156 18.90 8.23 6.63
C GLU A 156 17.36 8.43 6.50
N PRO A 157 16.68 7.34 6.24
CA PRO A 157 15.22 7.36 6.06
C PRO A 157 14.58 7.89 7.35
N ILE A 158 13.52 8.66 7.23
CA ILE A 158 12.87 9.23 8.38
C ILE A 158 11.39 8.90 8.56
N PHE A 159 11.03 8.71 9.81
CA PHE A 159 9.65 8.52 10.26
C PHE A 159 8.97 9.85 10.40
N THR A 160 7.90 10.04 9.64
CA THR A 160 7.10 11.23 9.52
C THR A 160 5.64 10.81 9.49
N PRO A 161 5.04 10.76 10.67
CA PRO A 161 3.70 10.27 10.81
C PRO A 161 2.65 11.19 10.30
N SER A 162 1.48 10.60 10.15
CA SER A 162 0.32 11.33 9.75
C SER A 162 -0.91 10.76 10.46
N THR A 163 -1.95 11.54 10.59
CA THR A 163 -3.20 11.18 11.18
C THR A 163 -4.22 11.64 10.06
N ASP A 171 -3.97 11.80 5.54
CA ASP A 171 -4.50 12.93 6.39
C ASP A 171 -3.55 14.12 6.60
N GLU A 172 -3.48 14.60 7.84
CA GLU A 172 -2.69 15.68 8.32
C GLU A 172 -1.33 15.17 8.83
N ASN A 173 -0.32 15.85 8.37
CA ASN A 173 1.05 15.56 8.67
C ASN A 173 1.38 16.11 10.05
N ILE A 174 1.87 15.24 10.89
CA ILE A 174 2.19 15.61 12.28
C ILE A 174 3.61 15.28 12.59
N SER A 175 4.15 15.86 13.68
CA SER A 175 5.50 15.52 14.08
C SER A 175 5.54 14.28 14.94
N PRO A 176 6.70 13.66 15.14
CA PRO A 176 6.84 12.55 16.06
C PRO A 176 6.36 12.78 17.50
N ALA A 177 6.52 14.00 18.10
CA ALA A 177 6.06 14.42 19.44
C ALA A 177 4.54 14.35 19.55
N GLN A 178 3.83 14.76 18.50
CA GLN A 178 2.38 14.69 18.38
C GLN A 178 1.93 13.25 18.34
N ALA A 179 2.67 12.39 17.64
CA ALA A 179 2.35 10.96 17.58
C ALA A 179 2.54 10.37 18.96
N ALA A 180 3.54 10.72 19.73
CA ALA A 180 3.73 10.28 21.10
C ALA A 180 2.53 10.75 21.96
N GLU A 181 1.96 11.92 21.74
CA GLU A 181 0.77 12.32 22.49
C GLU A 181 -0.43 11.44 22.16
N LEU A 182 -0.58 11.05 20.87
CA LEU A 182 -1.68 10.26 20.38
C LEU A 182 -1.63 8.80 20.80
N VAL A 183 -0.47 8.12 20.73
CA VAL A 183 -0.42 6.69 21.02
C VAL A 183 0.49 6.27 22.14
N GLY A 184 1.20 7.20 22.74
CA GLY A 184 2.13 6.96 23.80
C GLY A 184 3.56 7.04 23.26
N GLU A 185 4.43 7.48 24.17
CA GLU A 185 5.82 7.66 23.94
C GLU A 185 6.56 6.37 23.62
N ASP A 186 6.39 5.37 24.43
CA ASP A 186 7.08 4.12 24.22
C ASP A 186 6.64 3.49 22.90
N LEU A 187 5.35 3.44 22.67
CA LEU A 187 4.77 2.87 21.49
C LEU A 187 5.20 3.60 20.23
N SER A 188 5.13 4.92 20.19
CA SER A 188 5.53 5.69 19.06
C SER A 188 7.02 5.52 18.81
N ARG A 189 7.88 5.39 19.81
CA ARG A 189 9.32 5.17 19.59
C ARG A 189 9.57 3.80 19.00
N ARG A 190 8.97 2.76 19.43
CA ARG A 190 9.04 1.38 18.97
C ARG A 190 8.51 1.23 17.52
N VAL A 191 7.41 1.86 17.16
CA VAL A 191 6.92 1.82 15.80
C VAL A 191 7.84 2.60 14.83
N ALA A 192 8.38 3.74 15.23
CA ALA A 192 9.28 4.50 14.45
C ALA A 192 10.53 3.68 14.19
N GLU A 193 11.13 3.01 15.13
CA GLU A 193 12.34 2.26 14.87
C GLU A 193 12.12 1.06 13.96
N LEU A 194 11.06 0.34 14.20
CA LEU A 194 10.70 -0.81 13.40
C LEU A 194 10.39 -0.39 11.97
N ALA A 195 9.58 0.59 11.70
CA ALA A 195 9.20 1.05 10.40
C ALA A 195 10.38 1.40 9.52
N VAL A 196 11.35 2.15 10.05
CA VAL A 196 12.55 2.58 9.40
C VAL A 196 13.39 1.37 9.00
N LYS A 197 13.51 0.40 9.87
CA LYS A 197 14.26 -0.83 9.61
C LYS A 197 13.64 -1.63 8.46
N LEU A 198 12.31 -1.76 8.48
CA LEU A 198 11.56 -2.49 7.49
C LEU A 198 11.68 -1.83 6.13
N TYR A 199 11.48 -0.54 6.08
CA TYR A 199 11.57 0.25 4.87
C TYR A 199 12.99 0.16 4.28
N SER A 200 14.04 0.34 5.08
CA SER A 200 15.39 0.30 4.53
C SER A 200 15.75 -0.98 3.81
N LYS A 201 15.40 -2.09 4.38
CA LYS A 201 15.62 -3.42 3.87
C LYS A 201 14.95 -3.63 2.50
N CYS A 202 13.68 -3.24 2.34
CA CYS A 202 12.88 -3.40 1.15
C CYS A 202 13.26 -2.46 0.03
N LYS A 203 13.59 -1.24 0.45
CA LYS A 203 14.04 -0.18 -0.45
C LYS A 203 15.34 -0.63 -1.16
N ASP A 204 16.23 -1.17 -0.37
CA ASP A 204 17.51 -1.65 -0.89
C ASP A 204 17.28 -2.85 -1.82
N TYR A 205 16.44 -3.76 -1.44
CA TYR A 205 16.12 -4.88 -2.30
C TYR A 205 15.58 -4.43 -3.64
N ALA A 206 14.57 -3.55 -3.58
CA ALA A 206 13.90 -3.09 -4.76
C ALA A 206 14.83 -2.28 -5.64
N LYS A 207 15.68 -1.46 -5.07
CA LYS A 207 16.62 -0.63 -5.79
C LYS A 207 17.56 -1.48 -6.64
N GLU A 208 17.98 -2.64 -6.25
CA GLU A 208 18.79 -3.60 -6.99
C GLU A 208 18.00 -4.17 -8.19
N LYS A 209 16.70 -4.19 -8.15
CA LYS A 209 15.82 -4.67 -9.17
C LYS A 209 15.37 -3.58 -10.12
N GLY A 210 15.77 -2.33 -9.85
CA GLY A 210 15.43 -1.20 -10.69
C GLY A 210 14.27 -0.29 -10.39
N ILE A 211 13.73 -0.47 -9.18
CA ILE A 211 12.61 0.27 -8.66
C ILE A 211 13.03 1.03 -7.39
N ILE A 212 12.76 2.33 -7.39
CA ILE A 212 13.00 3.23 -6.25
C ILE A 212 11.62 3.39 -5.53
N ILE A 213 11.59 2.90 -4.31
CA ILE A 213 10.43 3.06 -3.43
C ILE A 213 10.82 4.30 -2.56
N ALA A 214 10.27 5.44 -2.97
CA ALA A 214 10.61 6.75 -2.36
C ALA A 214 10.09 6.98 -0.94
N ASP A 215 8.92 6.42 -0.69
CA ASP A 215 8.27 6.48 0.59
C ASP A 215 7.23 5.39 0.69
N THR A 216 6.75 5.08 1.91
CA THR A 216 5.75 4.08 2.08
C THR A 216 4.89 4.36 3.29
N LYS A 217 3.71 3.85 3.36
CA LYS A 217 2.84 4.01 4.49
C LYS A 217 2.53 2.65 5.07
N PHE A 218 2.93 2.43 6.33
CA PHE A 218 2.62 1.24 7.05
C PHE A 218 1.49 1.52 8.09
N GLU A 219 0.84 0.41 8.37
CA GLU A 219 -0.17 0.34 9.42
C GLU A 219 0.20 -0.84 10.32
N PHE A 220 0.20 -0.62 11.63
CA PHE A 220 0.52 -1.57 12.64
C PHE A 220 -0.57 -1.81 13.69
N GLY A 221 -0.61 -2.93 14.31
CA GLY A 221 -1.44 -3.34 15.41
C GLY A 221 -0.54 -3.80 16.54
N ILE A 222 -1.05 -4.19 17.69
CA ILE A 222 -0.32 -4.68 18.84
C ILE A 222 -1.14 -5.91 19.36
N ASP A 223 -0.32 -6.84 19.75
CA ASP A 223 -0.77 -8.05 20.39
C ASP A 223 -0.39 -7.68 21.84
N GLU A 224 -1.39 -7.26 22.58
CA GLU A 224 -1.23 -6.81 23.96
C GLU A 224 -0.87 -7.86 25.00
N LYS A 225 -1.00 -9.13 24.68
CA LYS A 225 -0.67 -10.29 25.51
C LYS A 225 0.81 -10.70 25.40
N THR A 226 1.49 -10.32 24.31
CA THR A 226 2.88 -10.67 24.09
C THR A 226 3.61 -9.33 24.02
N ASN A 227 2.80 -8.33 23.77
CA ASN A 227 3.24 -6.95 23.58
C ASN A 227 4.00 -6.80 22.24
N GLU A 228 3.59 -7.48 21.19
CA GLU A 228 4.27 -7.41 19.90
C GLU A 228 3.56 -6.46 18.96
N ILE A 229 4.34 -5.77 18.16
CA ILE A 229 3.92 -4.88 17.12
C ILE A 229 3.66 -5.84 15.91
N ILE A 230 2.54 -5.74 15.28
CA ILE A 230 2.17 -6.64 14.20
C ILE A 230 2.00 -5.79 12.95
N LEU A 231 2.49 -6.24 11.81
CA LEU A 231 2.32 -5.63 10.50
C LEU A 231 0.95 -6.06 9.98
N VAL A 232 0.13 -5.06 9.70
CA VAL A 232 -1.20 -5.09 9.27
C VAL A 232 -1.32 -4.47 7.86
N ASP A 233 -2.57 -4.41 7.42
CA ASP A 233 -2.96 -3.83 6.13
C ASP A 233 -2.14 -4.21 4.94
N GLU A 234 -2.10 -3.42 3.88
CA GLU A 234 -1.31 -3.63 2.68
C GLU A 234 0.13 -3.12 2.82
N VAL A 235 1.06 -3.92 2.28
CA VAL A 235 2.45 -3.61 2.39
C VAL A 235 3.19 -3.42 1.11
N LEU A 236 3.78 -2.25 0.96
CA LEU A 236 4.68 -1.89 -0.13
C LEU A 236 4.24 -2.22 -1.55
N THR A 237 3.05 -1.72 -1.84
CA THR A 237 2.47 -1.78 -3.16
C THR A 237 2.51 -0.37 -3.70
N PRO A 238 2.25 -0.18 -5.00
CA PRO A 238 2.22 1.08 -5.69
C PRO A 238 1.07 1.95 -5.19
N ASP A 239 0.09 1.37 -4.50
CA ASP A 239 -1.02 2.09 -3.94
C ASP A 239 -0.65 2.60 -2.51
N SER A 240 0.23 2.01 -1.73
CA SER A 240 0.61 2.48 -0.40
C SER A 240 1.98 3.17 -0.39
N SER A 241 2.64 3.31 -1.49
CA SER A 241 3.97 3.75 -1.65
C SER A 241 4.19 4.53 -2.91
N ARG A 242 5.23 5.32 -2.97
CA ARG A 242 5.62 6.05 -4.17
C ARG A 242 6.74 5.20 -4.85
N PHE A 243 6.35 4.60 -5.98
CA PHE A 243 7.26 3.82 -6.81
C PHE A 243 7.75 4.74 -7.97
N TRP A 244 9.02 4.75 -8.22
CA TRP A 244 9.66 5.49 -9.27
C TRP A 244 10.54 4.51 -10.07
N ASN A 245 10.70 4.81 -11.34
CA ASN A 245 11.56 4.05 -12.24
C ASN A 245 12.99 4.47 -11.97
N GLY A 246 13.80 3.55 -11.54
CA GLY A 246 15.18 3.78 -11.18
C GLY A 246 15.98 4.29 -12.40
N ALA A 247 15.60 3.82 -13.58
CA ALA A 247 16.28 4.19 -14.82
C ALA A 247 16.17 5.66 -15.19
N SER A 248 15.03 6.27 -14.97
CA SER A 248 14.80 7.66 -15.25
C SER A 248 15.09 8.60 -14.07
N TYR A 249 15.56 8.11 -12.94
CA TYR A 249 15.78 8.92 -11.76
C TYR A 249 16.91 9.93 -11.96
N LYS A 250 16.54 11.17 -11.65
CA LYS A 250 17.46 12.29 -11.67
C LYS A 250 17.19 13.23 -10.47
N VAL A 251 18.17 13.50 -9.65
CA VAL A 251 18.00 14.46 -8.55
C VAL A 251 17.81 15.87 -9.10
N GLY A 252 17.00 16.66 -8.45
CA GLY A 252 16.68 18.02 -8.74
C GLY A 252 15.49 18.25 -9.59
N GLU A 253 14.83 17.14 -9.90
CA GLU A 253 13.63 17.18 -10.73
C GLU A 253 12.52 16.35 -10.11
N SER A 254 11.35 16.56 -10.63
CA SER A 254 10.19 15.75 -10.23
C SER A 254 10.29 14.41 -10.99
N GLN A 255 9.84 13.34 -10.38
CA GLN A 255 9.87 12.00 -10.98
C GLN A 255 8.52 11.55 -11.47
N ASP A 256 8.42 10.73 -12.51
CA ASP A 256 7.08 10.25 -12.92
C ASP A 256 6.67 9.10 -11.95
N SER A 257 5.36 8.92 -11.83
CA SER A 257 4.82 7.80 -11.05
C SER A 257 4.99 6.55 -11.92
N TYR A 258 5.58 5.54 -11.37
CA TYR A 258 5.85 4.29 -12.01
C TYR A 258 4.58 3.69 -12.65
N ASP A 259 3.50 3.67 -11.88
CA ASP A 259 2.26 3.06 -12.33
C ASP A 259 1.20 3.95 -12.86
N LYS A 260 1.14 5.19 -12.35
CA LYS A 260 0.07 6.06 -12.71
C LYS A 260 0.33 7.20 -13.59
N GLN A 261 1.54 7.36 -14.07
CA GLN A 261 1.75 8.52 -14.90
C GLN A 261 0.92 8.58 -16.16
N PHE A 262 0.73 7.46 -16.86
CA PHE A 262 -0.07 7.45 -18.08
C PHE A 262 -1.47 8.01 -17.81
N LEU A 263 -2.08 7.52 -16.71
CA LEU A 263 -3.44 7.96 -16.33
C LEU A 263 -3.49 9.42 -15.99
N ARG A 264 -2.57 9.89 -15.17
CA ARG A 264 -2.44 11.27 -14.72
C ARG A 264 -2.21 12.23 -15.87
N ASP A 265 -1.35 11.91 -16.79
CA ASP A 265 -1.12 12.76 -17.96
C ASP A 265 -2.38 12.86 -18.82
N TRP A 266 -3.12 11.78 -19.02
CA TRP A 266 -4.34 11.80 -19.78
C TRP A 266 -5.37 12.68 -19.08
N LEU A 267 -5.53 12.51 -17.77
CA LEU A 267 -6.49 13.33 -17.05
C LEU A 267 -6.19 14.80 -17.11
N THR A 268 -4.98 15.21 -16.77
CA THR A 268 -4.68 16.66 -16.74
C THR A 268 -4.75 17.19 -18.14
N ALA A 269 -4.30 16.46 -19.15
CA ALA A 269 -4.41 16.91 -20.52
C ALA A 269 -5.85 17.21 -20.85
N ASN A 270 -6.86 16.54 -20.36
CA ASN A 270 -8.27 16.78 -20.63
C ASN A 270 -9.08 17.55 -19.58
N LYS A 271 -8.45 18.08 -18.57
CA LYS A 271 -9.08 18.79 -17.45
C LYS A 271 -10.07 17.96 -16.63
N LEU A 272 -9.73 16.66 -16.51
CA LEU A 272 -10.56 15.69 -15.84
C LEU A 272 -9.99 15.26 -14.54
N ASN A 273 -8.89 15.88 -14.14
CA ASN A 273 -8.21 15.58 -12.88
C ASN A 273 -9.08 15.99 -11.74
N GLY A 274 -9.37 15.13 -10.80
CA GLY A 274 -10.27 15.37 -9.69
C GLY A 274 -11.75 15.26 -10.04
N VAL A 275 -12.25 14.94 -11.23
CA VAL A 275 -13.60 14.79 -11.66
C VAL A 275 -14.08 13.37 -11.51
N ASN A 276 -15.27 13.25 -10.95
CA ASN A 276 -15.97 12.04 -10.72
C ASN A 276 -16.66 11.52 -12.00
N GLY A 277 -16.82 10.19 -12.01
CA GLY A 277 -17.45 9.53 -13.13
C GLY A 277 -16.75 9.41 -14.46
N VAL A 278 -15.44 9.40 -14.42
CA VAL A 278 -14.57 9.35 -15.55
C VAL A 278 -14.14 7.92 -15.88
N LYS A 279 -14.28 7.56 -17.13
CA LYS A 279 -13.93 6.27 -17.71
C LYS A 279 -12.63 6.49 -18.50
N MET A 280 -11.65 5.65 -18.16
CA MET A 280 -10.36 5.67 -18.81
C MET A 280 -10.50 5.03 -20.19
N PRO A 281 -9.84 5.54 -21.16
CA PRO A 281 -9.74 4.90 -22.49
C PRO A 281 -8.89 3.58 -22.33
N GLN A 282 -9.23 2.65 -23.24
CA GLN A 282 -8.68 1.34 -23.32
C GLN A 282 -7.17 1.34 -23.34
N ASP A 283 -6.60 2.26 -24.09
CA ASP A 283 -5.15 2.35 -24.16
C ASP A 283 -4.56 2.72 -22.79
N ILE A 284 -5.28 3.56 -22.03
CA ILE A 284 -4.72 3.91 -20.70
C ILE A 284 -4.83 2.69 -19.80
N VAL A 285 -5.94 1.99 -19.86
CA VAL A 285 -6.14 0.76 -19.13
C VAL A 285 -5.08 -0.28 -19.36
N ASP A 286 -4.73 -0.51 -20.66
CA ASP A 286 -3.72 -1.49 -21.04
C ASP A 286 -2.30 -1.15 -20.64
N ARG A 287 -1.87 0.07 -20.84
CA ARG A 287 -0.54 0.53 -20.48
C ARG A 287 -0.38 0.50 -18.96
N THR A 288 -1.45 0.84 -18.26
CA THR A 288 -1.47 0.82 -16.80
C THR A 288 -1.31 -0.58 -16.26
N ARG A 289 -2.12 -1.52 -16.76
CA ARG A 289 -2.00 -2.91 -16.35
C ARG A 289 -0.62 -3.50 -16.64
N ALA A 290 0.00 -3.15 -17.78
CA ALA A 290 1.33 -3.69 -18.12
C ALA A 290 2.35 -3.25 -17.10
N LYS A 291 2.23 -2.05 -16.50
CA LYS A 291 3.14 -1.60 -15.48
C LYS A 291 3.04 -2.39 -14.22
N TYR A 292 1.81 -2.75 -13.76
CA TYR A 292 1.60 -3.58 -12.57
C TYR A 292 2.25 -4.95 -12.72
N ILE A 293 2.06 -5.53 -13.94
CA ILE A 293 2.66 -6.83 -14.26
C ILE A 293 4.16 -6.70 -14.24
N GLU A 294 4.75 -5.64 -14.74
CA GLU A 294 6.22 -5.49 -14.68
C GLU A 294 6.73 -5.36 -13.27
N ALA A 295 6.04 -4.62 -12.40
CA ALA A 295 6.40 -4.41 -11.02
C ALA A 295 6.38 -5.74 -10.32
N TYR A 296 5.29 -6.47 -10.59
CA TYR A 296 5.16 -7.77 -9.94
C TYR A 296 6.25 -8.76 -10.32
N GLU A 297 6.48 -8.91 -11.62
CA GLU A 297 7.50 -9.87 -12.11
C GLU A 297 8.88 -9.45 -11.68
N THR A 298 9.19 -8.17 -11.73
CA THR A 298 10.47 -7.71 -11.36
C THR A 298 10.75 -7.85 -9.88
N LEU A 299 9.81 -7.63 -9.00
CA LEU A 299 10.11 -7.76 -7.55
C LEU A 299 10.02 -9.13 -6.96
N THR A 300 9.15 -9.95 -7.45
CA THR A 300 8.90 -11.31 -6.94
C THR A 300 9.78 -12.35 -7.59
N GLY A 301 10.25 -12.05 -8.80
CA GLY A 301 10.99 -12.96 -9.62
C GLY A 301 10.04 -13.97 -10.26
N SER A 302 8.74 -13.89 -10.16
CA SER A 302 7.74 -14.75 -10.70
C SER A 302 7.23 -14.24 -12.05
N LYS A 303 6.69 -15.14 -12.87
CA LYS A 303 6.18 -14.78 -14.17
C LYS A 303 4.67 -14.78 -14.12
N TRP A 304 4.00 -13.79 -14.65
CA TRP A 304 2.56 -13.69 -14.67
C TRP A 304 2.03 -14.29 -15.96
N SER A 305 1.35 -15.43 -16.02
CA SER A 305 0.90 -16.01 -17.28
C SER A 305 -0.28 -15.34 -17.95
N HIS A 306 -1.19 -14.79 -17.19
CA HIS A 306 -2.37 -14.02 -17.47
C HIS A 306 -3.62 -14.55 -16.78
S SO4 B . 2.91 13.21 0.90
S SO4 B . 2.78 12.92 0.70
O1 SO4 B . 2.27 13.94 -0.17
O1 SO4 B . 3.90 13.46 -0.13
O2 SO4 B . 4.41 13.52 0.91
O2 SO4 B . 3.36 12.07 1.81
O3 SO4 B . 2.36 13.45 2.22
O3 SO4 B . 1.94 13.98 1.25
O4 SO4 B . 2.89 11.72 0.70
O4 SO4 B . 1.92 12.07 -0.22
S SO4 C . -8.37 1.10 0.76
O1 SO4 C . -8.91 2.52 0.96
O2 SO4 C . -6.85 1.13 0.76
O3 SO4 C . -8.76 0.31 2.03
O4 SO4 C . -8.83 0.48 -0.46
#